data_2XY5
#
_entry.id   2XY5
#
_cell.length_a   88.171
_cell.length_b   93.469
_cell.length_c   105.591
_cell.angle_alpha   90.00
_cell.angle_beta   90.00
_cell.angle_gamma   90.00
#
_symmetry.space_group_name_H-M   'P 21 21 21'
#
loop_
_entity.id
_entity.type
_entity.pdbx_description
1 polymer 'DNA POLYMERASE I'
2 polymer "5'-D(*GP*AP*CP*CP*SAYP*TP*CP*CP*CP*TP)-3'"
3 polymer "5'-D(*AP*GP*GP*GP*AP*SAYP*GP*GP*TP*CP)-3'"
4 branched alpha-D-fructofuranose-(2-1)-alpha-D-glucopyranose
5 non-polymer 'SULFATE ION'
6 non-polymer (4R)-2-METHYLPENTANE-2,4-DIOL
7 non-polymer 'COPPER (I) ION'
8 non-polymer ETHANE-1,2-DIAMINE
9 water water
#
loop_
_entity_poly.entity_id
_entity_poly.type
_entity_poly.pdbx_seq_one_letter_code
_entity_poly.pdbx_strand_id
1 'polypeptide(L)'
;AAKMAFTLADRVTEEMLADKAALVVEVVEENYHDAPIVGIAVVNEHGRFFLRPETALADPQFVAWLGDETKKKSMFDSKR
AAVALKWKGIELCGVSFDLLLAAYLLDPAQGVDDVAAAAKMKQYEAVRPDEAVYGKGAKRAVPDEPVLAEHLVRKAAAIW
ALERPFLDELRRNEQDRLLVELEQPLSSILAEMEFAGVKVDTKRLEQMGEELAEQLRTVEQRIYELAGQEFNINSPKQLG
VILFEKLQLPVLKKSKTGYSTSADVLEKLAPYHEIVENILHYRQLGKLQSTYIEGLLKVVRPDTKKVHTIFNQALTQTGR
LSSTEPNLQNIPIRLEEGRKIRQAFVPSESDWLIFAADYSQIELRVLAHIAEDDNLMEAFRRDLDIHTKTAMDIFQVSED
EVTPNMRRQAKAVNFGIVYGISDYGLAQNLNISRKEAAEFIERYFESFPGVKRYMENIVQEAKQKGYVTTLLHRRRYLPD
ITSRNFNVRSFAERMAMNTPIQGSAADIIKKAMIDLNARLKEERLQARLLLQVHDELILEAPKEEMERLCRLVPEVMEQA
VTLRVPLKVDYHYGSTWYDAK
;
A
2 'polydeoxyribonucleotide' (DG)(DA)(DC)(DC)(SAY)(DT)(DC)(DC)(DC)(DT) B
3 'polydeoxyribonucleotide' (DA)(DG)(DG)(DG)(DA)(SAY)(DG)(DG)(DT)(DC) C
#
# COMPACT_ATOMS: atom_id res chain seq x y z
N ALA A 1 20.71 -35.03 -3.08
CA ALA A 1 20.56 -33.70 -3.77
C ALA A 1 21.93 -33.13 -4.11
N ALA A 2 22.41 -33.45 -5.32
CA ALA A 2 23.77 -33.06 -5.75
C ALA A 2 23.83 -31.56 -6.07
N LYS A 3 24.90 -30.93 -5.59
CA LYS A 3 25.12 -29.51 -5.81
C LYS A 3 24.99 -29.15 -7.30
N MET A 4 24.58 -27.91 -7.55
CA MET A 4 24.49 -27.34 -8.89
C MET A 4 25.87 -26.80 -9.13
N ALA A 5 26.39 -26.99 -10.34
CA ALA A 5 27.74 -26.56 -10.63
C ALA A 5 27.83 -25.03 -10.64
N PHE A 6 28.86 -24.52 -9.97
CA PHE A 6 29.23 -23.12 -10.09
C PHE A 6 30.64 -22.80 -9.62
N THR A 7 31.15 -21.67 -10.09
CA THR A 7 32.45 -21.18 -9.72
C THR A 7 32.34 -20.26 -8.51
N LEU A 8 32.92 -20.69 -7.39
CA LEU A 8 33.03 -19.86 -6.21
C LEU A 8 34.21 -18.94 -6.42
N ALA A 9 33.96 -17.81 -7.07
CA ALA A 9 35.02 -16.90 -7.53
C ALA A 9 35.72 -16.14 -6.40
N ASP A 10 37.03 -15.99 -6.55
CA ASP A 10 37.85 -15.20 -5.63
C ASP A 10 38.05 -13.83 -6.23
N ARG A 11 37.83 -13.68 -7.53
CA ARG A 11 37.86 -12.37 -8.12
C ARG A 11 36.92 -12.25 -9.33
N VAL A 12 36.60 -11.00 -9.68
CA VAL A 12 35.71 -10.72 -10.80
C VAL A 12 36.42 -10.85 -12.12
N THR A 13 35.85 -11.66 -13.01
CA THR A 13 36.37 -11.78 -14.36
C THR A 13 35.42 -11.21 -15.41
N GLU A 14 35.96 -11.10 -16.61
CA GLU A 14 35.32 -10.51 -17.76
CA GLU A 14 35.25 -10.48 -17.72
C GLU A 14 34.02 -11.26 -18.18
N GLU A 15 34.06 -12.58 -18.07
CA GLU A 15 32.92 -13.40 -18.48
C GLU A 15 31.76 -13.29 -17.48
N MET A 16 32.03 -12.67 -16.33
CA MET A 16 30.97 -12.38 -15.36
C MET A 16 30.21 -11.12 -15.72
N LEU A 17 30.65 -10.41 -16.76
CA LEU A 17 30.12 -9.10 -17.10
C LEU A 17 29.50 -9.07 -18.47
N ALA A 18 28.86 -10.19 -18.81
CA ALA A 18 28.07 -10.34 -20.03
C ALA A 18 26.95 -9.33 -20.07
N ASP A 19 26.40 -9.07 -21.24
CA ASP A 19 25.36 -8.05 -21.34
C ASP A 19 23.93 -8.59 -21.11
N LYS A 20 23.85 -9.83 -20.63
CA LYS A 20 22.60 -10.42 -20.19
C LYS A 20 22.91 -11.36 -19.06
N ALA A 21 22.25 -11.20 -17.93
CA ALA A 21 22.50 -12.05 -16.80
C ALA A 21 21.32 -12.09 -15.83
N ALA A 22 21.21 -13.19 -15.09
CA ALA A 22 20.37 -13.22 -13.90
C ALA A 22 21.33 -12.81 -12.81
N LEU A 23 20.88 -11.92 -11.92
CA LEU A 23 21.70 -11.39 -10.84
C LEU A 23 20.94 -11.51 -9.53
N VAL A 24 21.66 -11.95 -8.49
CA VAL A 24 21.19 -12.00 -7.13
C VAL A 24 22.14 -11.19 -6.24
N VAL A 25 21.60 -10.15 -5.63
CA VAL A 25 22.28 -9.37 -4.61
C VAL A 25 21.51 -9.52 -3.32
N GLU A 26 21.99 -10.40 -2.45
CA GLU A 26 21.19 -10.87 -1.34
C GLU A 26 21.29 -10.01 -0.11
N VAL A 27 20.13 -9.54 0.33
CA VAL A 27 19.98 -8.78 1.54
C VAL A 27 18.99 -9.53 2.40
N VAL A 28 19.49 -10.13 3.46
CA VAL A 28 18.72 -11.07 4.23
C VAL A 28 17.84 -10.36 5.25
N GLU A 29 18.34 -9.29 5.87
CA GLU A 29 17.52 -8.50 6.78
C GLU A 29 16.24 -8.06 6.07
N GLU A 30 15.11 -8.18 6.74
CA GLU A 30 13.83 -7.80 6.12
C GLU A 30 13.80 -6.36 5.68
N ASN A 31 14.24 -5.49 6.58
CA ASN A 31 14.38 -4.08 6.31
C ASN A 31 15.74 -3.88 5.65
N TYR A 32 15.73 -3.57 4.37
CA TYR A 32 16.97 -3.51 3.61
C TYR A 32 17.77 -2.20 3.69
N HIS A 33 17.22 -1.19 4.36
CA HIS A 33 17.83 0.12 4.45
C HIS A 33 19.14 0.06 5.22
N ASP A 34 20.24 0.36 4.53
CA ASP A 34 21.59 0.39 5.14
C ASP A 34 21.97 -1.00 5.67
N ALA A 35 21.43 -2.03 5.03
CA ALA A 35 21.57 -3.42 5.49
C ALA A 35 22.74 -4.09 4.77
N PRO A 36 23.28 -5.18 5.37
CA PRO A 36 24.34 -5.91 4.67
C PRO A 36 23.88 -6.66 3.43
N ILE A 37 24.73 -6.68 2.41
CA ILE A 37 24.60 -7.56 1.26
C ILE A 37 25.48 -8.77 1.58
N VAL A 38 24.90 -9.97 1.70
CA VAL A 38 25.62 -11.10 2.28
C VAL A 38 26.30 -11.98 1.22
N GLY A 39 25.97 -11.78 -0.04
CA GLY A 39 26.56 -12.53 -1.14
C GLY A 39 25.97 -12.14 -2.48
N ILE A 40 26.64 -12.52 -3.56
CA ILE A 40 26.24 -12.18 -4.92
C ILE A 40 26.31 -13.43 -5.77
N ALA A 41 25.40 -13.55 -6.71
CA ALA A 41 25.45 -14.61 -7.68
C ALA A 41 25.01 -14.05 -9.01
N VAL A 42 25.70 -14.54 -10.04
CA VAL A 42 25.47 -14.19 -11.43
C VAL A 42 25.39 -15.48 -12.22
N VAL A 43 24.36 -15.59 -13.07
CA VAL A 43 24.24 -16.68 -14.03
C VAL A 43 24.09 -16.04 -15.39
N ASN A 44 24.96 -16.44 -16.30
CA ASN A 44 24.87 -15.99 -17.67
C ASN A 44 25.28 -17.09 -18.62
N GLU A 45 25.36 -16.75 -19.90
CA GLU A 45 25.75 -17.65 -20.98
C GLU A 45 27.07 -18.37 -20.74
N HIS A 46 27.96 -17.82 -19.91
CA HIS A 46 29.27 -18.42 -19.65
C HIS A 46 29.33 -19.30 -18.42
N GLY A 47 28.25 -19.30 -17.63
CA GLY A 47 28.19 -20.15 -16.45
C GLY A 47 27.52 -19.50 -15.25
N ARG A 48 27.81 -20.07 -14.09
CA ARG A 48 27.21 -19.68 -12.85
C ARG A 48 28.35 -19.29 -11.92
N PHE A 49 28.16 -18.19 -11.20
CA PHE A 49 29.22 -17.60 -10.40
C PHE A 49 28.68 -17.13 -9.06
N PHE A 50 29.40 -17.42 -7.99
CA PHE A 50 29.18 -16.75 -6.70
C PHE A 50 30.37 -15.85 -6.38
N LEU A 51 30.07 -14.63 -5.97
CA LEU A 51 31.06 -13.64 -5.60
C LEU A 51 30.79 -13.17 -4.21
N ARG A 52 31.83 -12.93 -3.44
CA ARG A 52 31.68 -12.34 -2.10
C ARG A 52 31.53 -10.84 -2.27
N PRO A 53 30.62 -10.22 -1.52
CA PRO A 53 30.29 -8.81 -1.72
C PRO A 53 31.49 -7.86 -1.54
N GLU A 54 32.33 -8.14 -0.54
CA GLU A 54 33.51 -7.29 -0.30
C GLU A 54 34.47 -7.31 -1.48
N THR A 55 34.45 -8.40 -2.23
CA THR A 55 35.22 -8.49 -3.46
C THR A 55 34.48 -7.75 -4.56
N ALA A 56 33.31 -8.24 -4.94
CA ALA A 56 32.63 -7.71 -6.13
C ALA A 56 32.35 -6.20 -6.02
N LEU A 57 31.92 -5.76 -4.84
CA LEU A 57 31.55 -4.35 -4.72
C LEU A 57 32.72 -3.37 -4.55
N ALA A 58 33.94 -3.88 -4.43
CA ALA A 58 35.15 -3.06 -4.47
C ALA A 58 35.77 -3.08 -5.87
N ASP A 59 35.30 -3.99 -6.72
CA ASP A 59 35.82 -4.12 -8.05
C ASP A 59 35.18 -3.06 -8.95
N PRO A 60 35.99 -2.12 -9.48
CA PRO A 60 35.41 -1.10 -10.35
C PRO A 60 34.70 -1.62 -11.62
N GLN A 61 35.12 -2.76 -12.17
CA GLN A 61 34.49 -3.28 -13.40
C GLN A 61 33.10 -3.77 -13.05
N PHE A 62 33.01 -4.46 -11.92
CA PHE A 62 31.74 -4.98 -11.49
C PHE A 62 30.77 -3.86 -11.19
N VAL A 63 31.21 -2.89 -10.39
CA VAL A 63 30.38 -1.71 -10.09
C VAL A 63 29.95 -1.02 -11.37
N ALA A 64 30.84 -0.89 -12.35
CA ALA A 64 30.46 -0.24 -13.60
C ALA A 64 29.42 -1.09 -14.33
N TRP A 65 29.59 -2.41 -14.24
CA TRP A 65 28.67 -3.33 -14.90
C TRP A 65 27.27 -3.20 -14.25
N LEU A 66 27.25 -3.16 -12.94
CA LEU A 66 26.02 -2.88 -12.17
C LEU A 66 25.31 -1.64 -12.66
N GLY A 67 26.04 -0.55 -12.86
CA GLY A 67 25.43 0.72 -13.27
C GLY A 67 25.14 0.93 -14.76
N ASP A 68 25.63 0.05 -15.60
CA ASP A 68 25.45 0.17 -17.04
C ASP A 68 24.05 -0.34 -17.46
N GLU A 69 23.20 0.60 -17.84
CA GLU A 69 21.87 0.24 -18.28
C GLU A 69 21.81 -0.60 -19.55
N THR A 70 22.90 -0.75 -20.29
CA THR A 70 22.90 -1.62 -21.49
C THR A 70 23.33 -3.05 -21.12
N LYS A 71 23.65 -3.28 -19.86
CA LYS A 71 23.97 -4.60 -19.35
C LYS A 71 22.76 -5.07 -18.56
N LYS A 72 22.00 -5.98 -19.16
CA LYS A 72 20.66 -6.30 -18.68
C LYS A 72 20.69 -7.37 -17.62
N LYS A 73 19.92 -7.14 -16.56
CA LYS A 73 19.81 -8.02 -15.45
C LYS A 73 18.39 -8.50 -15.26
N SER A 74 18.28 -9.77 -14.90
CA SER A 74 17.04 -10.33 -14.46
C SER A 74 17.18 -10.65 -12.98
N MET A 75 16.24 -10.16 -12.17
CA MET A 75 16.32 -10.29 -10.71
C MET A 75 15.00 -10.69 -10.10
N PHE A 76 15.05 -10.96 -8.81
CA PHE A 76 13.86 -11.03 -8.00
C PHE A 76 13.94 -9.95 -6.95
N ASP A 77 13.00 -9.02 -6.99
CA ASP A 77 12.91 -7.93 -6.00
C ASP A 77 14.11 -7.02 -6.14
N SER A 78 14.28 -6.48 -7.34
CA SER A 78 15.38 -5.59 -7.61
C SER A 78 15.37 -4.35 -6.69
N LYS A 79 14.23 -3.93 -6.16
CA LYS A 79 14.21 -2.74 -5.34
C LYS A 79 14.98 -2.91 -4.04
N ARG A 80 14.89 -4.09 -3.45
CA ARG A 80 15.68 -4.46 -2.30
C ARG A 80 17.17 -4.27 -2.61
N ALA A 81 17.61 -4.81 -3.73
CA ALA A 81 19.03 -4.79 -4.09
C ALA A 81 19.45 -3.35 -4.38
N ALA A 82 18.61 -2.67 -5.12
CA ALA A 82 18.83 -1.30 -5.52
C ALA A 82 18.98 -0.37 -4.30
N VAL A 83 18.07 -0.45 -3.38
CA VAL A 83 18.14 0.39 -2.21
C VAL A 83 19.38 0.04 -1.40
N ALA A 84 19.65 -1.25 -1.17
CA ALA A 84 20.81 -1.64 -0.33
C ALA A 84 22.11 -1.12 -0.98
N LEU A 85 22.13 -1.16 -2.30
CA LEU A 85 23.29 -0.67 -3.03
C LEU A 85 23.38 0.86 -3.03
N LYS A 86 22.24 1.56 -3.04
CA LYS A 86 22.23 3.01 -2.92
C LYS A 86 22.86 3.44 -1.59
N TRP A 87 22.59 2.70 -0.52
CA TRP A 87 23.16 3.06 0.76
C TRP A 87 24.69 2.90 0.76
N LYS A 88 25.22 2.14 -0.19
CA LYS A 88 26.66 1.94 -0.29
C LYS A 88 27.23 2.79 -1.40
N GLY A 89 26.44 3.72 -1.92
CA GLY A 89 26.87 4.59 -3.00
C GLY A 89 27.03 3.91 -4.34
N ILE A 90 26.28 2.82 -4.58
CA ILE A 90 26.33 2.11 -5.87
C ILE A 90 24.98 2.14 -6.60
N GLU A 91 25.00 2.44 -7.90
CA GLU A 91 23.77 2.50 -8.69
C GLU A 91 23.55 1.19 -9.42
N LEU A 92 22.34 0.67 -9.33
CA LEU A 92 21.99 -0.53 -10.05
C LEU A 92 21.16 -0.08 -11.20
N CYS A 93 21.60 -0.37 -12.43
CA CYS A 93 20.80 -0.06 -13.60
C CYS A 93 20.63 -1.32 -14.48
N GLY A 94 19.76 -1.20 -15.48
CA GLY A 94 19.64 -2.21 -16.53
C GLY A 94 18.81 -3.43 -16.17
N VAL A 95 18.01 -3.31 -15.11
CA VAL A 95 17.13 -4.37 -14.69
C VAL A 95 15.95 -4.43 -15.64
N SER A 96 15.94 -5.43 -16.52
CA SER A 96 14.88 -5.53 -17.54
C SER A 96 13.80 -6.55 -17.21
N PHE A 97 13.98 -7.28 -16.11
CA PHE A 97 13.01 -8.28 -15.68
C PHE A 97 13.12 -8.54 -14.19
N ASP A 98 12.00 -8.34 -13.50
CA ASP A 98 11.88 -8.60 -12.07
C ASP A 98 10.84 -9.67 -11.85
N LEU A 99 11.32 -10.86 -11.44
CA LEU A 99 10.49 -12.07 -11.29
C LEU A 99 9.43 -11.92 -10.20
N LEU A 100 9.75 -11.21 -9.14
CA LEU A 100 8.75 -10.89 -8.11
C LEU A 100 7.58 -10.11 -8.71
N LEU A 101 7.89 -9.08 -9.47
CA LEU A 101 6.82 -8.31 -10.07
C LEU A 101 6.07 -9.10 -11.14
N ALA A 102 6.78 -9.94 -11.89
CA ALA A 102 6.13 -10.79 -12.91
C ALA A 102 5.15 -11.74 -12.23
N ALA A 103 5.55 -12.34 -11.12
CA ALA A 103 4.70 -13.31 -10.42
C ALA A 103 3.46 -12.63 -9.87
N TYR A 104 3.70 -11.48 -9.22
CA TYR A 104 2.61 -10.66 -8.67
C TYR A 104 1.55 -10.27 -9.71
N LEU A 105 1.98 -9.86 -10.90
CA LEU A 105 1.01 -9.50 -11.91
C LEU A 105 0.20 -10.71 -12.40
N LEU A 106 0.87 -11.85 -12.59
CA LEU A 106 0.21 -13.08 -13.03
C LEU A 106 -0.80 -13.60 -12.03
N ASP A 107 -0.46 -13.62 -10.75
CA ASP A 107 -1.46 -13.97 -9.71
C ASP A 107 -1.09 -13.45 -8.34
N PRO A 108 -1.65 -12.30 -7.95
CA PRO A 108 -1.31 -11.77 -6.65
C PRO A 108 -1.83 -12.63 -5.51
N ALA A 109 -2.76 -13.54 -5.77
CA ALA A 109 -3.28 -14.46 -4.73
C ALA A 109 -2.25 -15.50 -4.24
N GLN A 110 -1.20 -15.79 -5.02
CA GLN A 110 -0.20 -16.79 -4.64
C GLN A 110 0.66 -16.34 -3.50
N GLY A 111 0.80 -15.04 -3.30
CA GLY A 111 1.62 -14.53 -2.23
C GLY A 111 3.08 -14.86 -2.50
N VAL A 112 3.52 -14.70 -3.75
CA VAL A 112 4.90 -15.00 -4.06
C VAL A 112 5.75 -14.03 -3.27
N ASP A 113 6.57 -14.55 -2.36
CA ASP A 113 7.52 -13.72 -1.66
C ASP A 113 8.96 -14.25 -1.69
N ASP A 114 9.19 -15.27 -2.49
CA ASP A 114 10.52 -15.72 -2.78
C ASP A 114 10.55 -16.42 -4.11
N VAL A 115 11.76 -16.63 -4.57
CA VAL A 115 12.02 -17.23 -5.89
C VAL A 115 11.40 -18.61 -6.00
N ALA A 116 11.49 -19.40 -4.92
CA ALA A 116 10.96 -20.76 -4.90
C ALA A 116 9.45 -20.77 -5.14
N ALA A 117 8.73 -19.83 -4.52
CA ALA A 117 7.28 -19.71 -4.75
C ALA A 117 6.94 -19.29 -6.18
N ALA A 118 7.68 -18.36 -6.76
CA ALA A 118 7.50 -18.03 -8.20
C ALA A 118 7.81 -19.22 -9.09
N ALA A 119 8.92 -19.89 -8.83
CA ALA A 119 9.32 -21.05 -9.64
C ALA A 119 8.28 -22.19 -9.61
N LYS A 120 7.61 -22.35 -8.47
CA LYS A 120 6.64 -23.42 -8.30
C LYS A 120 5.46 -23.20 -9.26
N MET A 121 5.19 -21.95 -9.60
CA MET A 121 4.12 -21.63 -10.55
C MET A 121 4.35 -22.23 -11.94
N LYS A 122 5.61 -22.52 -12.29
CA LYS A 122 5.96 -23.16 -13.56
C LYS A 122 6.64 -24.54 -13.36
N GLN A 123 6.27 -25.21 -12.28
CA GLN A 123 6.71 -26.58 -11.98
C GLN A 123 8.26 -26.68 -11.92
N TYR A 124 8.89 -25.61 -11.48
CA TYR A 124 10.32 -25.59 -11.28
C TYR A 124 10.54 -25.64 -9.79
N GLU A 125 11.24 -26.67 -9.32
CA GLU A 125 11.46 -26.90 -7.90
C GLU A 125 12.94 -27.11 -7.50
N ALA A 126 13.87 -26.79 -8.39
CA ALA A 126 15.31 -26.93 -8.13
C ALA A 126 15.89 -25.71 -7.40
N VAL A 127 15.15 -25.21 -6.43
CA VAL A 127 15.62 -24.10 -5.60
C VAL A 127 14.87 -24.20 -4.29
N ARG A 128 15.52 -23.85 -3.21
CA ARG A 128 14.85 -23.89 -1.92
C ARG A 128 14.15 -22.57 -1.56
N PRO A 129 13.08 -22.65 -0.76
CA PRO A 129 12.53 -21.46 -0.15
C PRO A 129 13.53 -20.83 0.80
N ASP A 130 13.60 -19.50 0.74
CA ASP A 130 14.47 -18.75 1.59
C ASP A 130 14.31 -19.17 3.04
N GLU A 131 13.06 -19.45 3.45
CA GLU A 131 12.77 -19.81 4.84
C GLU A 131 13.45 -21.11 5.27
N ALA A 132 13.58 -22.05 4.34
CA ALA A 132 14.31 -23.27 4.57
C ALA A 132 15.82 -23.03 4.73
N VAL A 133 16.35 -22.02 4.04
CA VAL A 133 17.78 -21.73 4.10
C VAL A 133 18.08 -20.83 5.28
N TYR A 134 17.27 -19.79 5.48
CA TYR A 134 17.57 -18.81 6.53
C TYR A 134 16.93 -19.12 7.88
N GLY A 135 15.93 -19.99 7.92
CA GLY A 135 15.21 -20.29 9.15
C GLY A 135 14.20 -19.19 9.43
N LYS A 136 13.62 -19.22 10.63
CA LYS A 136 12.49 -18.33 10.95
C LYS A 136 12.54 -17.84 12.37
N GLY A 137 12.27 -16.55 12.57
CA GLY A 137 12.23 -15.97 13.92
C GLY A 137 13.62 -15.84 14.53
N ALA A 138 13.77 -16.25 15.78
CA ALA A 138 15.06 -16.17 16.50
C ALA A 138 16.09 -17.17 15.99
N LYS A 139 15.64 -18.17 15.23
CA LYS A 139 16.55 -19.13 14.60
C LYS A 139 17.04 -18.64 13.20
N ARG A 140 16.58 -17.46 12.80
CA ARG A 140 16.95 -16.88 11.50
C ARG A 140 18.42 -16.53 11.50
N ALA A 141 19.15 -17.02 10.51
CA ALA A 141 20.59 -16.79 10.42
C ALA A 141 21.11 -17.01 9.01
N VAL A 142 22.20 -16.32 8.67
CA VAL A 142 22.93 -16.57 7.44
C VAL A 142 23.78 -17.81 7.62
N PRO A 143 23.61 -18.80 6.73
CA PRO A 143 24.38 -20.03 6.89
C PRO A 143 25.78 -19.90 6.34
N ASP A 144 26.60 -20.91 6.62
CA ASP A 144 27.99 -20.95 6.14
C ASP A 144 28.09 -20.79 4.63
N GLU A 145 29.25 -20.39 4.17
CA GLU A 145 29.45 -20.00 2.77
C GLU A 145 29.00 -21.02 1.73
N PRO A 146 29.31 -22.32 1.93
CA PRO A 146 28.99 -23.25 0.84
C PRO A 146 27.48 -23.43 0.66
N VAL A 147 26.74 -23.40 1.75
CA VAL A 147 25.28 -23.49 1.71
C VAL A 147 24.63 -22.20 1.13
N LEU A 148 25.05 -21.02 1.63
CA LEU A 148 24.65 -19.70 1.10
C LEU A 148 24.90 -19.60 -0.40
N ALA A 149 26.14 -19.90 -0.78
CA ALA A 149 26.56 -19.80 -2.17
C ALA A 149 25.70 -20.69 -3.09
N GLU A 150 25.44 -21.93 -2.68
CA GLU A 150 24.65 -22.80 -3.52
C GLU A 150 23.25 -22.27 -3.66
N HIS A 151 22.70 -21.80 -2.55
CA HIS A 151 21.37 -21.21 -2.55
C HIS A 151 21.27 -20.03 -3.51
N LEU A 152 22.19 -19.06 -3.43
CA LEU A 152 22.09 -17.88 -4.31
C LEU A 152 22.21 -18.25 -5.79
N VAL A 153 23.08 -19.19 -6.10
CA VAL A 153 23.27 -19.63 -7.49
C VAL A 153 22.03 -20.34 -8.03
N ARG A 154 21.38 -21.10 -7.16
CA ARG A 154 20.12 -21.77 -7.49
C ARG A 154 19.00 -20.76 -7.76
N LYS A 155 18.94 -19.72 -6.93
CA LYS A 155 17.97 -18.65 -7.19
C LYS A 155 18.27 -17.98 -8.53
N ALA A 156 19.52 -17.59 -8.73
CA ALA A 156 19.93 -17.02 -10.03
C ALA A 156 19.59 -17.95 -11.20
N ALA A 157 19.90 -19.22 -11.04
CA ALA A 157 19.63 -20.17 -12.13
C ALA A 157 18.11 -20.25 -12.40
N ALA A 158 17.33 -20.20 -11.33
CA ALA A 158 15.86 -20.21 -11.43
C ALA A 158 15.37 -19.01 -12.24
N ILE A 159 15.89 -17.84 -11.91
CA ILE A 159 15.53 -16.60 -12.60
C ILE A 159 15.85 -16.70 -14.09
N TRP A 160 17.06 -17.15 -14.39
CA TRP A 160 17.52 -17.35 -15.76
C TRP A 160 16.58 -18.25 -16.55
N ALA A 161 16.14 -19.34 -15.90
CA ALA A 161 15.25 -20.33 -16.55
C ALA A 161 13.81 -19.85 -16.66
N LEU A 162 13.34 -19.07 -15.70
CA LEU A 162 11.93 -18.71 -15.61
C LEU A 162 11.52 -17.42 -16.34
N GLU A 163 12.49 -16.64 -16.80
CA GLU A 163 12.19 -15.38 -17.44
C GLU A 163 11.29 -15.57 -18.65
N ARG A 164 11.72 -16.43 -19.56
CA ARG A 164 10.96 -16.64 -20.78
C ARG A 164 9.52 -17.15 -20.51
N PRO A 165 9.34 -18.17 -19.66
CA PRO A 165 7.95 -18.58 -19.45
C PRO A 165 7.08 -17.54 -18.75
N PHE A 166 7.64 -16.80 -17.80
CA PHE A 166 6.85 -15.76 -17.17
C PHE A 166 6.46 -14.69 -18.19
N LEU A 167 7.39 -14.30 -19.05
CA LEU A 167 7.12 -13.23 -20.02
C LEU A 167 6.11 -13.70 -21.06
N ASP A 168 6.23 -14.96 -21.51
CA ASP A 168 5.22 -15.50 -22.46
C ASP A 168 3.84 -15.47 -21.83
N GLU A 169 3.70 -15.88 -20.58
CA GLU A 169 2.38 -15.82 -19.95
C GLU A 169 1.87 -14.38 -19.81
N LEU A 170 2.70 -13.48 -19.32
CA LEU A 170 2.32 -12.05 -19.26
C LEU A 170 1.82 -11.56 -20.62
N ARG A 171 2.53 -11.93 -21.66
CA ARG A 171 2.14 -11.55 -22.99
C ARG A 171 0.74 -12.10 -23.37
N ARG A 172 0.50 -13.37 -23.10
CA ARG A 172 -0.81 -13.97 -23.37
C ARG A 172 -1.93 -13.22 -22.60
N ASN A 173 -1.64 -12.85 -21.35
CA ASN A 173 -2.57 -12.07 -20.57
C ASN A 173 -2.66 -10.57 -20.93
N GLU A 174 -1.93 -10.13 -21.97
CA GLU A 174 -1.76 -8.69 -22.27
C GLU A 174 -1.28 -7.87 -21.06
N GLN A 175 -0.30 -8.41 -20.35
CA GLN A 175 0.26 -7.81 -19.16
C GLN A 175 1.75 -7.51 -19.33
N ASP A 176 2.25 -7.64 -20.55
CA ASP A 176 3.67 -7.49 -20.80
C ASP A 176 4.12 -6.03 -20.61
N ARG A 177 3.37 -5.12 -21.19
CA ARG A 177 3.63 -3.71 -21.04
C ARG A 177 3.36 -3.28 -19.60
N LEU A 178 2.33 -3.79 -18.99
CA LEU A 178 2.09 -3.51 -17.59
C LEU A 178 3.32 -3.78 -16.69
N LEU A 179 4.05 -4.85 -16.98
CA LEU A 179 5.28 -5.14 -16.23
C LEU A 179 6.39 -4.18 -16.65
N VAL A 180 6.65 -4.15 -17.95
CA VAL A 180 7.83 -3.46 -18.48
C VAL A 180 7.72 -1.93 -18.45
N GLU A 181 6.52 -1.39 -18.61
CA GLU A 181 6.33 0.05 -18.72
C GLU A 181 5.68 0.70 -17.51
N LEU A 182 5.14 -0.08 -16.58
CA LEU A 182 4.58 0.48 -15.37
C LEU A 182 5.27 -0.01 -14.10
N GLU A 183 5.14 -1.29 -13.78
CA GLU A 183 5.61 -1.77 -12.48
C GLU A 183 7.14 -1.71 -12.33
N GLN A 184 7.86 -2.08 -13.39
CA GLN A 184 9.32 -2.07 -13.29
C GLN A 184 9.89 -0.64 -13.16
N PRO A 185 9.45 0.30 -14.03
CA PRO A 185 9.87 1.67 -13.84
C PRO A 185 9.36 2.24 -12.54
N LEU A 186 8.16 1.87 -12.10
CA LEU A 186 7.70 2.35 -10.77
C LEU A 186 8.67 1.90 -9.66
N SER A 187 9.22 0.70 -9.85
CA SER A 187 10.08 0.08 -8.83
C SER A 187 11.30 0.99 -8.54
N SER A 188 11.91 1.52 -9.60
CA SER A 188 13.02 2.48 -9.49
C SER A 188 12.64 3.78 -8.75
N ILE A 189 11.50 4.32 -9.10
CA ILE A 189 10.95 5.51 -8.47
C ILE A 189 10.69 5.27 -6.98
N LEU A 190 10.10 4.14 -6.67
CA LEU A 190 9.87 3.82 -5.26
C LEU A 190 11.20 3.64 -4.53
N ALA A 191 12.19 3.08 -5.19
CA ALA A 191 13.52 2.91 -4.57
C ALA A 191 14.10 4.26 -4.17
N GLU A 192 13.99 5.25 -5.06
CA GLU A 192 14.45 6.63 -4.79
C GLU A 192 13.66 7.24 -3.64
N MET A 193 12.35 7.00 -3.61
CA MET A 193 11.51 7.58 -2.57
C MET A 193 11.90 7.06 -1.21
N GLU A 194 12.17 5.75 -1.15
CA GLU A 194 12.44 5.09 0.10
C GLU A 194 13.82 5.53 0.61
N PHE A 195 14.78 5.55 -0.30
CA PHE A 195 16.11 6.00 0.00
C PHE A 195 16.17 7.46 0.48
N ALA A 196 15.50 8.35 -0.23
CA ALA A 196 15.40 9.75 0.17
C ALA A 196 14.81 9.85 1.58
N GLY A 197 13.73 9.12 1.84
CA GLY A 197 13.04 9.19 3.12
C GLY A 197 12.34 10.49 3.43
N VAL A 198 11.76 10.58 4.64
CA VAL A 198 11.06 11.78 5.08
C VAL A 198 11.58 12.23 6.44
N LYS A 199 11.89 13.53 6.50
CA LYS A 199 12.49 14.10 7.67
C LYS A 199 11.49 14.22 8.81
N VAL A 200 11.87 13.81 10.01
CA VAL A 200 10.99 13.94 11.16
C VAL A 200 11.54 14.93 12.17
N ASP A 201 10.68 15.82 12.64
CA ASP A 201 11.04 16.76 13.70
C ASP A 201 10.86 16.01 15.03
N THR A 202 11.89 15.27 15.43
CA THR A 202 11.77 14.42 16.59
C THR A 202 11.48 15.19 17.89
N LYS A 203 11.99 16.41 18.00
CA LYS A 203 11.76 17.18 19.23
C LYS A 203 10.29 17.46 19.34
N ARG A 204 9.64 17.73 18.22
CA ARG A 204 8.21 18.00 18.24
C ARG A 204 7.42 16.78 18.73
N LEU A 205 7.75 15.60 18.24
CA LEU A 205 7.10 14.36 18.69
C LEU A 205 7.36 14.07 20.15
N GLU A 206 8.57 14.32 20.61
CA GLU A 206 8.89 14.04 22.00
C GLU A 206 8.07 14.92 22.95
N GLN A 207 7.87 16.18 22.61
CA GLN A 207 7.04 17.01 23.49
C GLN A 207 5.57 16.67 23.32
N MET A 208 5.13 16.25 22.13
CA MET A 208 3.78 15.70 22.00
C MET A 208 3.64 14.49 22.93
N GLY A 209 4.66 13.64 22.92
CA GLY A 209 4.72 12.47 23.79
C GLY A 209 4.65 12.80 25.26
N GLU A 210 5.25 13.93 25.64
CA GLU A 210 5.24 14.39 27.03
C GLU A 210 3.84 14.83 27.48
N GLU A 211 3.20 15.63 26.63
CA GLU A 211 1.81 16.05 26.83
C GLU A 211 0.87 14.83 26.94
N LEU A 212 0.89 13.99 25.91
CA LEU A 212 0.10 12.77 25.92
C LEU A 212 0.31 11.96 27.20
N ALA A 213 1.55 11.77 27.62
CA ALA A 213 1.83 10.99 28.83
C ALA A 213 1.07 11.60 30.03
N GLU A 214 1.04 12.92 30.11
CA GLU A 214 0.34 13.61 31.19
C GLU A 214 -1.17 13.42 31.08
N GLN A 215 -1.73 13.62 29.89
CA GLN A 215 -3.17 13.44 29.66
C GLN A 215 -3.64 11.99 29.86
N LEU A 216 -2.79 11.03 29.50
CA LEU A 216 -3.07 9.61 29.68
C LEU A 216 -3.11 9.27 31.15
N ARG A 217 -2.18 9.84 31.93
CA ARG A 217 -2.13 9.62 33.39
C ARG A 217 -3.42 10.12 34.08
N THR A 218 -3.89 11.28 33.64
CA THR A 218 -5.13 11.87 34.16
C THR A 218 -6.37 11.01 33.90
N VAL A 219 -6.57 10.61 32.64
CA VAL A 219 -7.73 9.78 32.29
C VAL A 219 -7.67 8.39 32.94
N GLU A 220 -6.47 7.83 33.01
CA GLU A 220 -6.24 6.53 33.63
C GLU A 220 -6.70 6.55 35.09
N GLN A 221 -6.35 7.62 35.81
CA GLN A 221 -6.75 7.78 37.21
C GLN A 221 -8.26 7.96 37.30
N ARG A 222 -8.81 8.73 36.36
CA ARG A 222 -10.24 8.96 36.28
C ARG A 222 -10.98 7.63 36.08
N ILE A 223 -10.45 6.78 35.21
CA ILE A 223 -11.02 5.47 34.96
C ILE A 223 -11.04 4.60 36.21
N TYR A 224 -9.94 4.63 36.97
CA TYR A 224 -9.83 3.86 38.19
C TYR A 224 -10.72 4.44 39.30
N GLU A 225 -10.87 5.75 39.33
CA GLU A 225 -11.80 6.41 40.26
C GLU A 225 -13.25 6.05 39.93
N LEU A 226 -13.59 6.02 38.63
CA LEU A 226 -14.95 5.71 38.19
C LEU A 226 -15.28 4.21 38.32
N ALA A 227 -14.26 3.37 38.14
CA ALA A 227 -14.43 1.93 38.28
C ALA A 227 -14.43 1.51 39.74
N GLY A 228 -13.90 2.36 40.61
CA GLY A 228 -13.73 2.02 42.03
C GLY A 228 -12.54 1.11 42.35
N GLN A 229 -11.73 0.79 41.33
CA GLN A 229 -10.56 -0.07 41.51
C GLN A 229 -9.54 0.13 40.36
N GLU A 230 -8.34 -0.46 40.50
CA GLU A 230 -7.33 -0.42 39.43
C GLU A 230 -7.35 -1.71 38.61
N PHE A 231 -7.04 -1.62 37.31
CA PHE A 231 -6.98 -2.80 36.43
C PHE A 231 -6.22 -2.52 35.12
N ASN A 232 -5.82 -3.56 34.40
CA ASN A 232 -5.22 -3.32 33.09
C ASN A 232 -6.30 -2.96 32.08
N ILE A 233 -6.44 -1.66 31.86
CA ILE A 233 -7.43 -1.15 30.91
C ILE A 233 -7.25 -1.74 29.50
N ASN A 234 -6.03 -2.17 29.16
CA ASN A 234 -5.75 -2.71 27.82
C ASN A 234 -5.99 -4.22 27.71
N SER A 235 -6.27 -4.84 28.84
CA SER A 235 -6.59 -6.27 28.90
C SER A 235 -8.08 -6.51 28.62
N PRO A 236 -8.41 -7.25 27.55
CA PRO A 236 -9.83 -7.50 27.26
C PRO A 236 -10.56 -8.31 28.35
N LYS A 237 -9.85 -9.17 29.08
CA LYS A 237 -10.50 -9.92 30.15
C LYS A 237 -10.91 -8.96 31.27
N GLN A 238 -9.94 -8.18 31.73
CA GLN A 238 -10.12 -7.32 32.91
C GLN A 238 -11.17 -6.22 32.71
N LEU A 239 -11.19 -5.65 31.52
CA LEU A 239 -12.04 -4.54 31.18
C LEU A 239 -13.48 -5.03 31.06
N GLY A 240 -13.65 -6.12 30.32
CA GLY A 240 -14.95 -6.79 30.18
C GLY A 240 -15.57 -7.13 31.53
N VAL A 241 -14.75 -7.50 32.50
CA VAL A 241 -15.22 -7.79 33.85
C VAL A 241 -15.68 -6.49 34.53
N ILE A 242 -14.92 -5.41 34.38
CA ILE A 242 -15.32 -4.12 34.97
C ILE A 242 -16.59 -3.60 34.32
N LEU A 243 -16.67 -3.69 33.00
CA LEU A 243 -17.78 -3.08 32.31
C LEU A 243 -19.07 -3.88 32.46
N PHE A 244 -18.98 -5.17 32.20
CA PHE A 244 -20.14 -6.03 32.01
C PHE A 244 -20.52 -6.90 33.19
N GLU A 245 -19.71 -6.88 34.25
CA GLU A 245 -20.02 -7.65 35.44
C GLU A 245 -20.11 -6.68 36.60
N LYS A 246 -19.02 -6.00 36.92
CA LYS A 246 -19.02 -5.07 38.06
C LYS A 246 -19.94 -3.85 37.86
N LEU A 247 -20.07 -3.37 36.63
CA LEU A 247 -20.89 -2.20 36.38
C LEU A 247 -22.20 -2.52 35.66
N GLN A 248 -22.37 -3.78 35.24
CA GLN A 248 -23.65 -4.29 34.77
C GLN A 248 -24.08 -3.66 33.44
N LEU A 249 -23.09 -3.25 32.65
CA LEU A 249 -23.40 -2.63 31.38
C LEU A 249 -23.97 -3.69 30.46
N PRO A 250 -24.98 -3.34 29.65
CA PRO A 250 -25.55 -4.34 28.73
C PRO A 250 -24.51 -4.89 27.76
N VAL A 251 -24.65 -6.16 27.39
CA VAL A 251 -23.84 -6.78 26.36
C VAL A 251 -24.59 -6.71 25.03
N LEU A 252 -24.11 -5.85 24.14
CA LEU A 252 -24.73 -5.64 22.83
C LEU A 252 -24.02 -6.44 21.74
N LYS A 253 -22.74 -6.73 21.95
CA LYS A 253 -21.95 -7.53 21.02
C LYS A 253 -21.03 -8.44 21.79
N LYS A 254 -20.91 -9.65 21.28
CA LYS A 254 -20.01 -10.65 21.82
C LYS A 254 -18.91 -10.85 20.79
N SER A 255 -17.79 -11.41 21.23
CA SER A 255 -16.70 -11.78 20.32
C SER A 255 -16.36 -13.23 20.63
N LYS A 256 -15.94 -13.98 19.60
CA LYS A 256 -15.67 -15.41 19.77
C LYS A 256 -14.87 -15.66 21.06
N THR A 257 -13.88 -14.81 21.31
CA THR A 257 -13.11 -14.90 22.56
C THR A 257 -13.93 -14.52 23.81
N GLY A 258 -14.78 -13.48 23.70
CA GLY A 258 -15.55 -12.96 24.86
C GLY A 258 -16.46 -11.74 24.64
N TYR A 259 -16.40 -10.76 25.55
CA TYR A 259 -17.18 -9.50 25.39
C TYR A 259 -16.48 -8.49 24.45
N SER A 260 -17.21 -7.98 23.44
CA SER A 260 -16.72 -6.90 22.59
C SER A 260 -16.63 -5.55 23.34
N THR A 261 -15.45 -4.92 23.31
CA THR A 261 -15.32 -3.53 23.79
C THR A 261 -14.88 -2.60 22.64
N SER A 262 -15.29 -2.96 21.42
CA SER A 262 -14.99 -2.13 20.27
C SER A 262 -15.61 -0.75 20.41
N ALA A 263 -15.03 0.24 19.72
CA ALA A 263 -15.47 1.63 19.86
C ALA A 263 -16.93 1.82 19.42
N ASP A 264 -17.38 1.06 18.43
CA ASP A 264 -18.78 1.16 17.99
C ASP A 264 -19.73 0.75 19.12
N VAL A 265 -19.34 -0.27 19.87
CA VAL A 265 -20.12 -0.75 21.01
C VAL A 265 -20.07 0.24 22.18
N LEU A 266 -18.88 0.68 22.57
CA LEU A 266 -18.72 1.59 23.73
C LEU A 266 -19.52 2.89 23.58
N GLU A 267 -19.56 3.42 22.35
CA GLU A 267 -20.36 4.61 22.04
C GLU A 267 -21.82 4.45 22.48
N LYS A 268 -22.40 3.27 22.29
CA LYS A 268 -23.80 3.02 22.67
C LYS A 268 -23.99 2.83 24.19
N LEU A 269 -22.92 2.42 24.86
CA LEU A 269 -22.92 2.23 26.31
C LEU A 269 -22.64 3.53 27.08
N ALA A 270 -22.14 4.55 26.40
CA ALA A 270 -21.75 5.79 27.09
C ALA A 270 -22.85 6.43 27.95
N PRO A 271 -24.11 6.43 27.49
CA PRO A 271 -25.19 6.96 28.35
C PRO A 271 -25.32 6.31 29.73
N TYR A 272 -24.96 5.03 29.81
CA TYR A 272 -25.17 4.25 31.03
C TYR A 272 -24.20 4.59 32.14
N HIS A 273 -23.02 5.07 31.76
CA HIS A 273 -21.96 5.24 32.74
C HIS A 273 -20.80 6.09 32.18
N GLU A 274 -20.26 6.94 33.07
CA GLU A 274 -19.28 7.96 32.77
C GLU A 274 -17.93 7.33 32.44
N ILE A 275 -17.70 6.13 32.96
CA ILE A 275 -16.48 5.39 32.66
C ILE A 275 -16.25 5.19 31.14
N VAL A 276 -17.33 5.06 30.37
CA VAL A 276 -17.19 4.68 28.97
C VAL A 276 -16.48 5.73 28.11
N GLU A 277 -16.86 7.01 28.26
CA GLU A 277 -16.22 8.06 27.50
C GLU A 277 -14.74 8.16 27.88
N ASN A 278 -14.43 7.94 29.14
CA ASN A 278 -13.03 7.96 29.57
C ASN A 278 -12.19 6.83 28.99
N ILE A 279 -12.76 5.64 28.88
CA ILE A 279 -12.07 4.51 28.27
C ILE A 279 -11.82 4.78 26.78
N LEU A 280 -12.82 5.33 26.11
CA LEU A 280 -12.69 5.74 24.71
C LEU A 280 -11.57 6.78 24.52
N HIS A 281 -11.60 7.82 25.35
CA HIS A 281 -10.58 8.87 25.36
C HIS A 281 -9.20 8.24 25.59
N TYR A 282 -9.12 7.35 26.58
CA TYR A 282 -7.88 6.63 26.86
C TYR A 282 -7.34 5.86 25.65
N ARG A 283 -8.23 5.22 24.91
CA ARG A 283 -7.86 4.44 23.77
C ARG A 283 -7.36 5.33 22.63
N GLN A 284 -8.06 6.43 22.38
CA GLN A 284 -7.62 7.38 21.37
C GLN A 284 -6.20 7.89 21.71
N LEU A 285 -5.99 8.33 22.94
CA LEU A 285 -4.68 8.83 23.36
C LEU A 285 -3.61 7.76 23.33
N GLY A 286 -3.92 6.58 23.85
CA GLY A 286 -2.97 5.49 23.88
C GLY A 286 -2.58 5.03 22.49
N LYS A 287 -3.52 5.11 21.57
CA LYS A 287 -3.25 4.77 20.18
C LYS A 287 -2.20 5.73 19.62
N LEU A 288 -2.39 7.02 19.86
CA LEU A 288 -1.44 8.02 19.38
C LEU A 288 -0.06 7.81 20.01
N GLN A 289 -0.06 7.60 21.33
CA GLN A 289 1.17 7.48 22.09
C GLN A 289 1.95 6.27 21.61
N SER A 290 1.32 5.12 21.69
CA SER A 290 2.01 3.86 21.46
C SER A 290 2.47 3.70 19.99
N THR A 291 1.59 4.04 19.06
CA THR A 291 1.83 3.79 17.64
C THR A 291 2.51 4.92 16.86
N TYR A 292 2.08 6.17 17.12
CA TYR A 292 2.54 7.29 16.32
C TYR A 292 3.44 8.29 17.06
N ILE A 293 3.71 8.08 18.34
CA ILE A 293 4.78 8.80 18.98
C ILE A 293 5.89 7.81 19.20
N GLU A 294 5.69 6.88 20.12
CA GLU A 294 6.68 5.85 20.40
C GLU A 294 7.06 5.04 19.16
N GLY A 295 6.07 4.63 18.38
CA GLY A 295 6.33 3.75 17.23
C GLY A 295 7.19 4.40 16.16
N LEU A 296 6.90 5.67 15.95
CA LEU A 296 7.59 6.46 14.96
C LEU A 296 9.00 6.81 15.41
N LEU A 297 9.13 7.22 16.67
CA LEU A 297 10.43 7.56 17.23
C LEU A 297 11.36 6.36 17.19
N LYS A 298 10.81 5.16 17.34
CA LYS A 298 11.61 3.94 17.33
C LYS A 298 12.26 3.69 15.97
N VAL A 299 11.63 4.11 14.88
CA VAL A 299 12.18 3.84 13.56
C VAL A 299 12.83 5.05 12.88
N VAL A 300 12.91 6.21 13.55
CA VAL A 300 13.64 7.33 12.99
C VAL A 300 15.12 7.03 13.10
N ARG A 301 15.85 7.22 12.01
CA ARG A 301 17.30 7.02 12.05
C ARG A 301 17.91 8.19 12.73
N PRO A 302 18.68 7.95 13.77
CA PRO A 302 19.16 9.00 14.62
C PRO A 302 20.21 9.85 13.95
N ASP A 303 20.90 9.28 12.98
CA ASP A 303 21.89 10.03 12.25
C ASP A 303 21.30 11.08 11.32
N THR A 304 20.18 10.77 10.67
CA THR A 304 19.57 11.74 9.78
C THR A 304 18.19 12.26 10.18
N LYS A 305 17.64 11.76 11.26
CA LYS A 305 16.29 12.15 11.67
C LYS A 305 15.30 11.90 10.51
N LYS A 306 15.52 10.83 9.75
CA LYS A 306 14.60 10.45 8.70
C LYS A 306 13.97 9.08 8.98
N VAL A 307 12.75 8.90 8.50
CA VAL A 307 12.13 7.59 8.40
C VAL A 307 12.21 7.18 6.95
N HIS A 308 12.59 5.94 6.72
CA HIS A 308 12.67 5.35 5.40
C HIS A 308 11.73 4.16 5.37
N THR A 309 10.55 4.35 4.76
CA THR A 309 9.54 3.32 4.66
C THR A 309 9.99 2.31 3.63
N ILE A 310 9.35 1.14 3.63
CA ILE A 310 9.49 0.21 2.53
C ILE A 310 8.09 0.06 1.95
N PHE A 311 7.98 0.34 0.65
CA PHE A 311 6.74 0.16 -0.07
C PHE A 311 6.67 -1.25 -0.63
N ASN A 312 5.78 -2.07 -0.10
CA ASN A 312 5.61 -3.38 -0.68
C ASN A 312 4.80 -3.24 -1.96
N GLN A 313 5.47 -3.42 -3.08
CA GLN A 313 4.84 -3.32 -4.39
C GLN A 313 4.21 -4.62 -4.87
N ALA A 314 4.36 -5.73 -4.14
CA ALA A 314 3.87 -7.03 -4.63
C ALA A 314 3.07 -7.78 -3.57
N LEU A 315 2.18 -7.07 -2.91
CA LEU A 315 1.44 -7.63 -1.81
C LEU A 315 -0.06 -7.57 -2.05
N THR A 316 -0.60 -6.38 -2.22
CA THR A 316 -2.04 -6.21 -2.18
C THR A 316 -2.69 -6.86 -3.38
N GLN A 317 -3.88 -7.36 -3.14
CA GLN A 317 -4.63 -8.10 -4.15
C GLN A 317 -5.23 -7.22 -5.23
N THR A 318 -5.23 -5.90 -5.02
CA THR A 318 -5.83 -4.96 -5.97
C THR A 318 -4.83 -4.18 -6.82
N GLY A 319 -3.54 -4.22 -6.50
CA GLY A 319 -2.56 -3.41 -7.24
C GLY A 319 -2.14 -2.14 -6.53
N ARG A 320 -2.65 -1.93 -5.33
CA ARG A 320 -2.16 -0.89 -4.46
C ARG A 320 -0.84 -1.28 -3.86
N LEU A 321 -0.14 -0.24 -3.41
CA LEU A 321 1.06 -0.36 -2.61
C LEU A 321 0.66 -0.57 -1.15
N SER A 322 1.60 -1.05 -0.35
CA SER A 322 1.47 -0.96 1.09
C SER A 322 2.79 -0.40 1.61
N SER A 323 2.81 0.00 2.88
CA SER A 323 3.96 0.68 3.44
C SER A 323 4.20 0.11 4.82
N THR A 324 5.48 -0.11 5.14
CA THR A 324 5.87 -0.69 6.44
C THR A 324 7.04 0.04 7.05
N GLU A 325 7.09 0.03 8.38
CA GLU A 325 8.31 0.28 9.13
C GLU A 325 8.97 1.62 8.77
N PRO A 326 8.24 2.72 8.93
CA PRO A 326 6.90 2.76 9.41
C PRO A 326 5.90 2.74 8.24
N ASN A 327 4.63 2.50 8.58
CA ASN A 327 3.55 2.67 7.65
C ASN A 327 3.27 4.16 7.57
N LEU A 328 3.52 4.78 6.42
CA LEU A 328 3.27 6.20 6.27
C LEU A 328 1.96 6.46 5.53
N GLN A 329 1.21 5.38 5.29
CA GLN A 329 -0.13 5.48 4.69
C GLN A 329 -1.26 5.41 5.72
N ASN A 330 -0.95 5.41 7.02
CA ASN A 330 -2.04 5.51 7.99
C ASN A 330 -1.79 6.54 9.09
N ILE A 331 -1.13 7.64 8.73
CA ILE A 331 -0.90 8.72 9.67
C ILE A 331 -2.22 9.48 9.86
N PRO A 332 -2.61 9.73 11.12
CA PRO A 332 -3.91 10.28 11.43
C PRO A 332 -4.19 11.57 10.69
N ILE A 333 -5.46 11.73 10.33
CA ILE A 333 -5.95 12.94 9.70
C ILE A 333 -7.39 13.28 10.13
N ARG A 334 -8.19 12.27 10.44
CA ARG A 334 -9.63 12.45 10.70
C ARG A 334 -9.93 13.33 11.93
N LEU A 335 -9.31 13.02 13.06
CA LEU A 335 -9.51 13.80 14.30
C LEU A 335 -8.33 14.74 14.48
N GLU A 336 -8.60 15.96 14.92
CA GLU A 336 -7.60 17.03 14.97
C GLU A 336 -6.43 16.70 15.88
N GLU A 337 -6.71 16.10 17.03
CA GLU A 337 -5.67 15.80 18.03
C GLU A 337 -4.61 14.85 17.47
N GLY A 338 -5.06 13.92 16.63
CA GLY A 338 -4.19 12.96 15.97
C GLY A 338 -3.51 13.52 14.73
N ARG A 339 -4.24 14.35 14.00
CA ARG A 339 -3.73 14.99 12.79
C ARG A 339 -2.46 15.82 13.07
N LYS A 340 -2.38 16.38 14.26
CA LYS A 340 -1.25 17.19 14.67
C LYS A 340 0.09 16.43 14.61
N ILE A 341 0.04 15.11 14.63
CA ILE A 341 1.21 14.26 14.37
C ILE A 341 1.89 14.62 13.04
N ARG A 342 1.10 15.02 12.06
CA ARG A 342 1.63 15.39 10.76
C ARG A 342 2.51 16.60 10.78
N GLN A 343 2.40 17.37 11.86
CA GLN A 343 3.29 18.50 12.02
C GLN A 343 4.76 18.07 12.19
N ALA A 344 4.99 16.82 12.58
CA ALA A 344 6.33 16.29 12.82
C ALA A 344 7.02 15.87 11.53
N PHE A 345 6.30 15.88 10.43
CA PHE A 345 6.89 15.49 9.17
C PHE A 345 7.21 16.74 8.39
N VAL A 346 8.50 16.98 8.19
CA VAL A 346 9.01 18.26 7.76
C VAL A 346 9.86 18.09 6.49
N PRO A 347 10.11 19.18 5.76
CA PRO A 347 11.02 19.10 4.62
C PRO A 347 12.44 18.76 5.09
N SER A 348 13.22 18.15 4.21
CA SER A 348 14.55 17.63 4.57
C SER A 348 15.68 18.65 4.41
N GLU A 349 15.35 19.80 3.84
CA GLU A 349 16.29 20.92 3.70
C GLU A 349 15.59 22.23 4.03
N SER A 350 16.41 23.17 4.46
CA SER A 350 15.91 24.45 4.90
C SER A 350 15.43 25.23 3.68
N ASP A 351 14.37 26.00 3.87
CA ASP A 351 13.73 26.72 2.76
C ASP A 351 13.04 25.80 1.74
N TRP A 352 12.78 24.55 2.13
CA TRP A 352 11.97 23.63 1.35
C TRP A 352 10.58 23.57 1.96
N LEU A 353 9.63 23.10 1.17
CA LEU A 353 8.27 22.94 1.62
C LEU A 353 7.69 21.58 1.18
N ILE A 354 6.70 21.10 1.95
CA ILE A 354 5.92 19.93 1.59
C ILE A 354 4.74 20.28 0.69
N PHE A 355 4.57 19.47 -0.35
CA PHE A 355 3.56 19.68 -1.38
C PHE A 355 2.80 18.38 -1.54
N ALA A 356 1.48 18.43 -1.39
CA ALA A 356 0.61 17.28 -1.40
C ALA A 356 -0.46 17.49 -2.49
N ALA A 357 -0.63 16.51 -3.35
CA ALA A 357 -1.64 16.58 -4.36
C ALA A 357 -2.47 15.30 -4.24
N ASP A 358 -3.79 15.42 -4.29
CA ASP A 358 -4.64 14.25 -4.18
C ASP A 358 -5.75 14.31 -5.22
N TYR A 359 -6.06 13.13 -5.76
CA TYR A 359 -7.25 12.96 -6.57
C TYR A 359 -8.55 13.15 -5.77
N SER A 360 -9.45 13.89 -6.39
CA SER A 360 -10.80 14.05 -5.87
C SER A 360 -11.72 12.96 -6.44
N GLN A 361 -12.16 12.07 -5.55
CA GLN A 361 -13.13 10.99 -5.79
C GLN A 361 -12.72 10.11 -6.96
N ILE A 362 -11.46 9.65 -6.98
CA ILE A 362 -10.99 8.89 -8.15
C ILE A 362 -11.80 7.58 -8.38
N GLU A 363 -12.16 6.92 -7.29
CA GLU A 363 -12.91 5.67 -7.35
C GLU A 363 -14.28 5.84 -8.01
N LEU A 364 -15.05 6.82 -7.53
CA LEU A 364 -16.35 7.10 -8.14
C LEU A 364 -16.21 7.60 -9.58
N ARG A 365 -15.15 8.34 -9.88
CA ARG A 365 -14.94 8.76 -11.26
C ARG A 365 -14.60 7.58 -12.19
N VAL A 366 -13.74 6.68 -11.71
CA VAL A 366 -13.47 5.42 -12.40
C VAL A 366 -14.73 4.61 -12.61
N LEU A 367 -15.54 4.50 -11.57
CA LEU A 367 -16.83 3.78 -11.66
C LEU A 367 -17.72 4.38 -12.70
N ALA A 368 -17.79 5.71 -12.73
CA ALA A 368 -18.55 6.39 -13.75
C ALA A 368 -18.03 6.02 -15.12
N HIS A 369 -16.71 5.96 -15.25
CA HIS A 369 -16.11 5.64 -16.55
C HIS A 369 -16.41 4.22 -16.98
N ILE A 370 -16.20 3.28 -16.07
CA ILE A 370 -16.31 1.87 -16.44
C ILE A 370 -17.76 1.42 -16.60
N ALA A 371 -18.66 1.98 -15.77
CA ALA A 371 -20.09 1.71 -15.87
C ALA A 371 -20.78 2.41 -17.02
N GLU A 372 -20.19 3.51 -17.49
CA GLU A 372 -20.85 4.44 -18.43
C GLU A 372 -22.23 4.79 -17.96
N ASP A 373 -22.34 5.08 -16.68
CA ASP A 373 -23.61 5.54 -16.17
C ASP A 373 -23.80 7.04 -16.49
N ASP A 374 -24.80 7.31 -17.32
CA ASP A 374 -25.06 8.66 -17.79
C ASP A 374 -25.20 9.69 -16.67
N ASN A 375 -25.96 9.35 -15.63
CA ASN A 375 -26.21 10.26 -14.52
C ASN A 375 -24.93 10.53 -13.75
N LEU A 376 -24.16 9.50 -13.46
CA LEU A 376 -22.93 9.67 -12.68
C LEU A 376 -21.87 10.44 -13.48
N MET A 377 -21.80 10.19 -14.78
CA MET A 377 -20.81 10.83 -15.64
C MET A 377 -21.17 12.31 -15.75
N GLU A 378 -22.46 12.61 -15.93
CA GLU A 378 -22.93 14.00 -15.93
C GLU A 378 -22.58 14.67 -14.61
N ALA A 379 -22.85 13.99 -13.52
CA ALA A 379 -22.54 14.56 -12.22
C ALA A 379 -21.07 15.00 -12.13
N PHE A 380 -20.15 14.16 -12.60
CA PHE A 380 -18.73 14.51 -12.55
C PHE A 380 -18.33 15.54 -13.63
N ARG A 381 -19.01 15.52 -14.77
CA ARG A 381 -18.82 16.53 -15.81
C ARG A 381 -19.21 17.94 -15.37
N ARG A 382 -20.18 18.00 -14.46
CA ARG A 382 -20.56 19.22 -13.77
C ARG A 382 -19.71 19.53 -12.54
N ASP A 383 -18.78 18.64 -12.21
CA ASP A 383 -18.03 18.75 -10.97
C ASP A 383 -18.89 18.94 -9.71
N LEU A 384 -20.00 18.20 -9.63
CA LEU A 384 -20.92 18.35 -8.50
C LEU A 384 -20.32 17.76 -7.25
N ASP A 385 -20.83 18.20 -6.11
CA ASP A 385 -20.59 17.48 -4.86
C ASP A 385 -21.34 16.15 -5.00
N ILE A 386 -20.59 15.05 -5.05
CA ILE A 386 -21.15 13.77 -5.46
C ILE A 386 -22.09 13.21 -4.41
N HIS A 387 -21.78 13.42 -3.14
CA HIS A 387 -22.62 12.91 -2.08
C HIS A 387 -23.95 13.68 -1.98
N THR A 388 -23.89 15.00 -2.15
CA THR A 388 -25.08 15.84 -2.18
C THR A 388 -25.95 15.44 -3.38
N LYS A 389 -25.34 15.29 -4.54
CA LYS A 389 -26.10 14.88 -5.72
C LYS A 389 -26.79 13.53 -5.50
N THR A 390 -26.06 12.58 -4.90
CA THR A 390 -26.56 11.24 -4.60
C THR A 390 -27.70 11.30 -3.57
N ALA A 391 -27.56 12.13 -2.55
CA ALA A 391 -28.69 12.39 -1.63
C ALA A 391 -29.93 12.92 -2.38
N MET A 392 -29.73 13.89 -3.26
CA MET A 392 -30.83 14.47 -4.04
C MET A 392 -31.56 13.42 -4.84
N ASP A 393 -30.81 12.47 -5.39
CA ASP A 393 -31.39 11.46 -6.25
C ASP A 393 -32.08 10.35 -5.47
N ILE A 394 -31.46 9.84 -4.41
CA ILE A 394 -32.05 8.71 -3.73
C ILE A 394 -33.20 9.17 -2.85
N PHE A 395 -33.18 10.42 -2.41
CA PHE A 395 -34.30 10.96 -1.64
C PHE A 395 -35.26 11.79 -2.48
N GLN A 396 -34.99 11.99 -3.76
CA GLN A 396 -35.88 12.77 -4.61
CA GLN A 396 -35.89 12.78 -4.60
C GLN A 396 -36.13 14.18 -4.03
N VAL A 397 -35.07 14.88 -3.66
CA VAL A 397 -35.23 16.22 -3.10
C VAL A 397 -34.34 17.18 -3.86
N SER A 398 -34.63 18.47 -3.70
CA SER A 398 -33.85 19.53 -4.28
C SER A 398 -32.63 19.72 -3.41
N GLU A 399 -31.60 20.34 -3.97
CA GLU A 399 -30.36 20.55 -3.25
C GLU A 399 -30.61 21.20 -1.88
N ASP A 400 -31.53 22.15 -1.84
CA ASP A 400 -31.85 22.90 -0.62
C ASP A 400 -32.55 22.07 0.43
N GLU A 401 -33.16 20.97 -0.01
CA GLU A 401 -33.80 20.04 0.92
C GLU A 401 -32.88 18.93 1.41
N VAL A 402 -31.61 18.90 1.02
CA VAL A 402 -30.69 17.87 1.52
C VAL A 402 -30.21 18.30 2.89
N THR A 403 -30.54 17.52 3.93
CA THR A 403 -30.08 17.77 5.29
C THR A 403 -28.68 17.16 5.51
N PRO A 404 -27.97 17.54 6.60
CA PRO A 404 -26.69 16.91 6.85
C PRO A 404 -26.79 15.40 7.01
N ASN A 405 -27.81 14.92 7.74
CA ASN A 405 -27.96 13.49 7.88
C ASN A 405 -28.24 12.78 6.58
N MET A 406 -29.04 13.39 5.73
CA MET A 406 -29.27 12.88 4.38
C MET A 406 -27.94 12.76 3.60
N ARG A 407 -27.07 13.76 3.72
CA ARG A 407 -25.84 13.76 2.95
C ARG A 407 -24.94 12.64 3.42
N ARG A 408 -24.86 12.52 4.73
CA ARG A 408 -24.02 11.55 5.37
C ARG A 408 -24.40 10.12 4.97
N GLN A 409 -25.70 9.88 4.87
CA GLN A 409 -26.19 8.58 4.49
C GLN A 409 -25.97 8.29 3.01
N ALA A 410 -26.17 9.28 2.16
CA ALA A 410 -25.85 9.12 0.73
C ALA A 410 -24.37 8.80 0.57
N LYS A 411 -23.54 9.41 1.40
CA LYS A 411 -22.10 9.21 1.35
C LYS A 411 -21.73 7.77 1.72
N ALA A 412 -22.34 7.27 2.77
CA ALA A 412 -22.17 5.87 3.17
C ALA A 412 -22.63 4.91 2.09
N VAL A 413 -23.71 5.25 1.40
CA VAL A 413 -24.20 4.43 0.31
C VAL A 413 -23.15 4.41 -0.80
N ASN A 414 -22.60 5.58 -1.14
CA ASN A 414 -21.62 5.68 -2.23
C ASN A 414 -20.43 4.77 -1.97
N PHE A 415 -19.96 4.77 -0.72
CA PHE A 415 -18.86 3.89 -0.29
C PHE A 415 -19.28 2.43 -0.39
N GLY A 416 -20.51 2.17 0.00
CA GLY A 416 -21.04 0.80 -0.06
C GLY A 416 -21.06 0.29 -1.49
N ILE A 417 -21.55 1.13 -2.40
CA ILE A 417 -21.64 0.77 -3.80
C ILE A 417 -20.24 0.44 -4.32
N VAL A 418 -19.27 1.25 -3.90
CA VAL A 418 -17.88 1.09 -4.34
C VAL A 418 -17.28 -0.23 -3.83
N TYR A 419 -17.53 -0.54 -2.57
CA TYR A 419 -17.07 -1.80 -1.95
C TYR A 419 -17.99 -2.99 -2.24
N GLY A 420 -18.94 -2.82 -3.17
CA GLY A 420 -19.86 -3.87 -3.55
C GLY A 420 -20.80 -4.31 -2.44
N ILE A 421 -21.02 -3.45 -1.46
CA ILE A 421 -21.67 -3.87 -0.22
C ILE A 421 -23.16 -4.18 -0.44
N SER A 422 -23.72 -4.90 0.52
CA SER A 422 -25.07 -5.44 0.49
C SER A 422 -25.90 -4.90 1.64
N ASP A 423 -27.21 -5.11 1.56
CA ASP A 423 -28.13 -4.67 2.61
C ASP A 423 -27.57 -4.83 4.04
N TYR A 424 -27.07 -6.01 4.37
CA TYR A 424 -26.59 -6.28 5.74
C TYR A 424 -25.42 -5.36 6.16
N GLY A 425 -24.35 -5.33 5.36
CA GLY A 425 -23.17 -4.53 5.69
C GLY A 425 -23.36 -3.00 5.69
N LEU A 426 -24.28 -2.52 4.87
CA LEU A 426 -24.68 -1.10 4.89
C LEU A 426 -25.50 -0.83 6.16
N ALA A 427 -26.38 -1.79 6.49
CA ALA A 427 -27.11 -1.82 7.77
C ALA A 427 -26.20 -1.56 8.96
N GLN A 428 -25.18 -2.40 9.11
CA GLN A 428 -24.20 -2.26 10.21
C GLN A 428 -23.61 -0.86 10.20
N ASN A 429 -23.33 -0.39 9.00
CA ASN A 429 -22.61 0.86 8.83
C ASN A 429 -23.45 2.07 9.18
N LEU A 430 -24.69 2.09 8.70
CA LEU A 430 -25.60 3.22 8.95
C LEU A 430 -26.34 3.08 10.29
N ASN A 431 -25.98 2.06 11.05
CA ASN A 431 -26.72 1.65 12.22
C ASN A 431 -28.22 1.58 11.95
N ILE A 432 -28.59 0.86 10.90
CA ILE A 432 -30.01 0.69 10.53
C ILE A 432 -30.35 -0.78 10.24
N SER A 433 -31.60 -1.02 9.83
CA SER A 433 -32.07 -2.37 9.55
C SER A 433 -31.73 -2.81 8.13
N ARG A 434 -31.68 -4.12 7.94
CA ARG A 434 -31.41 -4.71 6.64
C ARG A 434 -32.40 -4.22 5.59
N LYS A 435 -33.69 -4.32 5.88
CA LYS A 435 -34.72 -3.93 4.89
C LYS A 435 -34.57 -2.46 4.45
N GLU A 436 -34.19 -1.60 5.37
CA GLU A 436 -34.01 -0.18 5.07
C GLU A 436 -32.82 0.03 4.13
N ALA A 437 -31.68 -0.55 4.51
CA ALA A 437 -30.48 -0.60 3.68
C ALA A 437 -30.81 -1.03 2.25
N ALA A 438 -31.56 -2.12 2.13
CA ALA A 438 -32.01 -2.64 0.84
C ALA A 438 -32.84 -1.64 0.01
N GLU A 439 -33.59 -0.76 0.67
CA GLU A 439 -34.38 0.26 -0.03
C GLU A 439 -33.48 1.38 -0.57
N PHE A 440 -32.41 1.69 0.17
CA PHE A 440 -31.43 2.68 -0.26
C PHE A 440 -30.76 2.22 -1.55
N ILE A 441 -30.22 1.02 -1.50
CA ILE A 441 -29.54 0.39 -2.62
C ILE A 441 -30.46 0.36 -3.83
N GLU A 442 -31.72 0.01 -3.59
CA GLU A 442 -32.68 -0.04 -4.68
C GLU A 442 -32.89 1.35 -5.23
N ARG A 443 -32.99 2.34 -4.35
CA ARG A 443 -33.14 3.74 -4.81
C ARG A 443 -31.89 4.20 -5.57
N TYR A 444 -30.72 3.81 -5.07
CA TYR A 444 -29.47 4.15 -5.74
C TYR A 444 -29.49 3.64 -7.19
N PHE A 445 -29.75 2.36 -7.35
CA PHE A 445 -29.70 1.73 -8.66
C PHE A 445 -30.75 2.27 -9.61
N GLU A 446 -31.85 2.79 -9.07
CA GLU A 446 -32.85 3.47 -9.92
C GLU A 446 -32.32 4.78 -10.50
N SER A 447 -31.52 5.49 -9.71
CA SER A 447 -30.90 6.73 -10.17
C SER A 447 -29.66 6.45 -10.99
N PHE A 448 -29.04 5.30 -10.75
CA PHE A 448 -27.79 4.93 -11.44
C PHE A 448 -27.88 3.57 -12.11
N PRO A 449 -28.75 3.43 -13.10
CA PRO A 449 -28.97 2.12 -13.69
C PRO A 449 -27.72 1.52 -14.37
N GLY A 450 -26.81 2.38 -14.83
CA GLY A 450 -25.55 1.97 -15.43
C GLY A 450 -24.64 1.28 -14.41
N VAL A 451 -24.65 1.75 -13.18
CA VAL A 451 -23.86 1.16 -12.12
C VAL A 451 -24.41 -0.22 -11.74
N LYS A 452 -25.72 -0.33 -11.64
CA LYS A 452 -26.38 -1.65 -11.46
C LYS A 452 -25.95 -2.60 -12.56
N ARG A 453 -26.14 -2.17 -13.79
CA ARG A 453 -25.72 -2.95 -14.95
C ARG A 453 -24.29 -3.48 -14.82
N TYR A 454 -23.39 -2.55 -14.51
CA TYR A 454 -21.98 -2.88 -14.29
C TYR A 454 -21.84 -3.92 -13.19
N MET A 455 -22.48 -3.69 -12.04
CA MET A 455 -22.36 -4.61 -10.93
C MET A 455 -22.82 -6.03 -11.32
N GLU A 456 -23.89 -6.11 -12.15
CA GLU A 456 -24.40 -7.38 -12.64
C GLU A 456 -23.45 -8.01 -13.64
N ASN A 457 -23.00 -7.20 -14.60
CA ASN A 457 -22.16 -7.69 -15.67
C ASN A 457 -20.78 -8.12 -15.23
N ILE A 458 -20.24 -7.49 -14.21
CA ILE A 458 -18.88 -7.79 -13.80
C ILE A 458 -18.86 -9.11 -13.01
N VAL A 459 -19.88 -9.35 -12.20
CA VAL A 459 -20.01 -10.61 -11.46
C VAL A 459 -20.14 -11.80 -12.43
N GLN A 460 -20.96 -11.65 -13.47
CA GLN A 460 -21.06 -12.65 -14.52
C GLN A 460 -19.74 -12.81 -15.31
N GLU A 461 -19.02 -11.72 -15.54
CA GLU A 461 -17.77 -11.84 -16.25
C GLU A 461 -16.73 -12.59 -15.38
N ALA A 462 -16.75 -12.31 -14.08
CA ALA A 462 -15.87 -12.97 -13.16
C ALA A 462 -16.15 -14.50 -13.18
N LYS A 463 -17.43 -14.85 -13.24
CA LYS A 463 -17.83 -16.27 -13.29
C LYS A 463 -17.39 -16.92 -14.61
N GLN A 464 -17.57 -16.20 -15.71
CA GLN A 464 -17.32 -16.75 -17.05
C GLN A 464 -15.82 -16.91 -17.33
N LYS A 465 -15.06 -15.87 -17.03
CA LYS A 465 -13.62 -15.85 -17.26
C LYS A 465 -12.79 -16.41 -16.10
N GLY A 466 -13.27 -16.30 -14.88
CA GLY A 466 -12.52 -16.76 -13.71
C GLY A 466 -11.77 -15.61 -13.03
N TYR A 467 -11.84 -14.43 -13.63
CA TYR A 467 -11.11 -13.26 -13.11
C TYR A 467 -11.71 -11.93 -13.57
N VAL A 468 -11.38 -10.86 -12.84
CA VAL A 468 -11.70 -9.52 -13.32
C VAL A 468 -10.43 -8.76 -13.63
N THR A 469 -10.55 -7.71 -14.44
CA THR A 469 -9.40 -6.90 -14.78
C THR A 469 -9.59 -5.40 -14.51
N THR A 470 -8.46 -4.70 -14.48
CA THR A 470 -8.43 -3.26 -14.32
C THR A 470 -8.12 -2.58 -15.66
N LEU A 471 -8.24 -1.28 -15.68
CA LEU A 471 -7.93 -0.46 -16.85
C LEU A 471 -6.63 -0.82 -17.53
N LEU A 472 -5.58 -1.00 -16.73
CA LEU A 472 -4.27 -1.26 -17.31
C LEU A 472 -3.89 -2.75 -17.33
N HIS A 473 -4.88 -3.63 -17.14
CA HIS A 473 -4.81 -5.09 -17.36
C HIS A 473 -4.26 -5.86 -16.17
N ARG A 474 -4.29 -5.24 -15.01
CA ARG A 474 -4.06 -5.98 -13.79
C ARG A 474 -5.19 -7.03 -13.66
N ARG A 475 -4.91 -8.11 -12.93
CA ARG A 475 -5.84 -9.22 -12.93
C ARG A 475 -6.05 -9.74 -11.52
N ARG A 476 -7.27 -10.16 -11.21
CA ARG A 476 -7.54 -10.80 -9.93
C ARG A 476 -8.44 -12.02 -10.16
N TYR A 477 -7.94 -13.19 -9.76
CA TYR A 477 -8.68 -14.44 -9.95
C TYR A 477 -9.65 -14.59 -8.81
N LEU A 478 -10.88 -14.95 -9.11
CA LEU A 478 -11.92 -15.05 -8.10
C LEU A 478 -12.61 -16.41 -8.14
N PRO A 479 -11.89 -17.46 -7.77
CA PRO A 479 -12.47 -18.81 -7.89
C PRO A 479 -13.61 -19.08 -6.90
N ASP A 480 -13.67 -18.37 -5.76
CA ASP A 480 -14.82 -18.45 -4.84
C ASP A 480 -16.14 -17.91 -5.42
N ILE A 481 -16.08 -17.32 -6.61
CA ILE A 481 -17.29 -16.82 -7.22
C ILE A 481 -18.32 -17.92 -7.57
N THR A 482 -17.91 -19.19 -7.56
CA THR A 482 -18.82 -20.29 -7.91
C THR A 482 -19.09 -21.20 -6.71
N SER A 483 -18.63 -20.80 -5.54
CA SER A 483 -18.90 -21.51 -4.30
C SER A 483 -20.41 -21.63 -4.07
N ARG A 484 -20.84 -22.74 -3.50
CA ARG A 484 -22.24 -22.91 -3.16
C ARG A 484 -22.51 -22.47 -1.74
N ASN A 485 -21.53 -21.84 -1.12
CA ASN A 485 -21.68 -21.26 0.21
C ASN A 485 -21.88 -19.74 0.10
N PHE A 486 -23.08 -19.28 0.47
CA PHE A 486 -23.49 -17.88 0.34
C PHE A 486 -22.44 -16.84 0.77
N ASN A 487 -21.90 -17.00 1.96
CA ASN A 487 -21.00 -15.99 2.50
C ASN A 487 -19.71 -15.90 1.69
N VAL A 488 -19.20 -17.06 1.26
CA VAL A 488 -17.94 -17.10 0.50
C VAL A 488 -18.17 -16.57 -0.92
N ARG A 489 -19.26 -16.98 -1.55
CA ARG A 489 -19.58 -16.53 -2.91
C ARG A 489 -19.81 -15.02 -2.91
N SER A 490 -20.52 -14.54 -1.90
CA SER A 490 -20.87 -13.12 -1.82
C SER A 490 -19.66 -12.22 -1.63
N PHE A 491 -18.65 -12.69 -0.89
CA PHE A 491 -17.41 -11.92 -0.72
C PHE A 491 -16.71 -11.81 -2.07
N ALA A 492 -16.70 -12.93 -2.81
CA ALA A 492 -16.11 -13.01 -4.14
C ALA A 492 -16.80 -12.03 -5.05
N GLU A 493 -18.11 -11.92 -4.95
CA GLU A 493 -18.86 -11.01 -5.83
C GLU A 493 -18.50 -9.54 -5.52
N ARG A 494 -18.38 -9.21 -4.25
CA ARG A 494 -17.98 -7.85 -3.85
C ARG A 494 -16.60 -7.55 -4.43
N MET A 495 -15.69 -8.50 -4.32
CA MET A 495 -14.37 -8.36 -4.90
C MET A 495 -14.47 -8.15 -6.41
N ALA A 496 -15.37 -8.86 -7.05
CA ALA A 496 -15.58 -8.70 -8.50
C ALA A 496 -15.98 -7.28 -8.80
N MET A 497 -16.83 -6.74 -7.94
CA MET A 497 -17.36 -5.41 -8.12
C MET A 497 -16.30 -4.31 -7.81
N ASN A 498 -15.58 -4.48 -6.71
CA ASN A 498 -14.66 -3.46 -6.20
C ASN A 498 -13.30 -3.43 -6.90
N THR A 499 -12.79 -4.60 -7.33
CA THR A 499 -11.41 -4.69 -7.76
C THR A 499 -11.12 -3.85 -9.03
N PRO A 500 -12.01 -3.82 -10.00
CA PRO A 500 -11.75 -2.97 -11.14
C PRO A 500 -11.73 -1.47 -10.86
N ILE A 501 -12.40 -1.08 -9.78
CA ILE A 501 -12.47 0.31 -9.35
C ILE A 501 -11.20 0.63 -8.55
N GLN A 502 -11.02 -0.05 -7.41
CA GLN A 502 -9.81 0.13 -6.59
C GLN A 502 -8.50 -0.13 -7.39
N GLY A 503 -8.49 -1.17 -8.21
CA GLY A 503 -7.31 -1.53 -8.99
C GLY A 503 -7.02 -0.56 -10.11
N SER A 504 -8.05 -0.10 -10.83
CA SER A 504 -7.85 0.90 -11.88
C SER A 504 -7.38 2.24 -11.31
N ALA A 505 -7.89 2.63 -10.15
CA ALA A 505 -7.39 3.81 -9.44
C ALA A 505 -5.89 3.67 -9.11
N ALA A 506 -5.47 2.47 -8.69
CA ALA A 506 -4.07 2.18 -8.37
C ALA A 506 -3.26 2.29 -9.63
N ASP A 507 -3.80 1.75 -10.72
CA ASP A 507 -3.10 1.81 -12.00
C ASP A 507 -2.84 3.29 -12.37
N ILE A 508 -3.85 4.13 -12.24
CA ILE A 508 -3.73 5.53 -12.69
C ILE A 508 -2.70 6.30 -11.88
N ILE A 509 -2.72 6.13 -10.58
CA ILE A 509 -1.78 6.85 -9.76
C ILE A 509 -0.35 6.37 -9.95
N LYS A 510 -0.17 5.07 -10.25
CA LYS A 510 1.16 4.56 -10.61
C LYS A 510 1.67 5.17 -11.91
N LYS A 511 0.79 5.30 -12.90
CA LYS A 511 1.19 5.94 -14.12
C LYS A 511 1.53 7.43 -13.89
N ALA A 512 0.75 8.11 -13.07
CA ALA A 512 0.98 9.50 -12.75
C ALA A 512 2.38 9.64 -12.15
N MET A 513 2.74 8.72 -11.27
CA MET A 513 4.04 8.76 -10.60
C MET A 513 5.17 8.70 -11.64
N ILE A 514 5.03 7.81 -12.60
CA ILE A 514 6.02 7.64 -13.64
C ILE A 514 6.08 8.91 -14.49
N ASP A 515 4.93 9.35 -14.98
CA ASP A 515 4.86 10.58 -15.76
C ASP A 515 5.43 11.77 -15.00
N LEU A 516 5.07 11.89 -13.74
CA LEU A 516 5.54 12.99 -12.92
C LEU A 516 7.08 13.01 -12.78
N ASN A 517 7.64 11.85 -12.48
CA ASN A 517 9.09 11.72 -12.34
C ASN A 517 9.80 12.14 -13.66
N ALA A 518 9.23 11.73 -14.78
CA ALA A 518 9.78 12.11 -16.06
C ALA A 518 9.72 13.63 -16.25
N ARG A 519 8.60 14.25 -15.92
CA ARG A 519 8.44 15.71 -16.06
C ARG A 519 9.33 16.47 -15.10
N LEU A 520 9.45 15.99 -13.88
CA LEU A 520 10.33 16.65 -12.91
C LEU A 520 11.74 16.77 -13.47
N LYS A 521 12.18 15.73 -14.15
CA LYS A 521 13.55 15.64 -14.67
C LYS A 521 13.75 16.52 -15.88
N GLU A 522 12.80 16.44 -16.81
CA GLU A 522 12.75 17.30 -17.97
C GLU A 522 12.81 18.77 -17.59
N GLU A 523 12.07 19.13 -16.55
CA GLU A 523 12.01 20.51 -16.07
C GLU A 523 13.20 20.89 -15.20
N ARG A 524 14.05 19.93 -14.86
CA ARG A 524 15.19 20.19 -13.99
C ARG A 524 14.77 20.76 -12.65
N LEU A 525 13.67 20.25 -12.10
CA LEU A 525 13.25 20.70 -10.77
C LEU A 525 13.96 19.83 -9.75
N GLN A 526 14.16 20.35 -8.55
CA GLN A 526 14.74 19.58 -7.45
C GLN A 526 13.69 18.92 -6.56
N ALA A 527 12.42 19.25 -6.85
CA ALA A 527 11.24 18.65 -6.25
C ALA A 527 11.39 17.17 -6.20
N ARG A 528 11.05 16.55 -5.08
CA ARG A 528 11.06 15.08 -5.10
C ARG A 528 9.91 14.42 -4.42
N LEU A 529 9.49 13.32 -5.04
CA LEU A 529 8.48 12.45 -4.52
C LEU A 529 9.00 11.85 -3.26
N LEU A 530 8.22 11.99 -2.19
CA LEU A 530 8.48 11.29 -0.92
C LEU A 530 7.53 10.11 -0.63
N LEU A 531 6.23 10.31 -0.88
CA LEU A 531 5.22 9.34 -0.50
C LEU A 531 4.04 9.24 -1.45
N GLN A 532 3.44 8.07 -1.47
CA GLN A 532 2.17 7.83 -2.12
C GLN A 532 1.24 7.25 -1.08
N VAL A 533 0.03 7.81 -0.96
CA VAL A 533 -1.00 7.27 -0.04
C VAL A 533 -2.28 6.94 -0.82
N HIS A 534 -2.17 6.00 -1.75
CA HIS A 534 -3.31 5.43 -2.52
C HIS A 534 -3.91 6.35 -3.55
N ASP A 535 -4.33 7.54 -3.12
CA ASP A 535 -4.83 8.52 -4.10
C ASP A 535 -4.19 9.90 -4.02
N GLU A 536 -3.07 9.96 -3.32
CA GLU A 536 -2.36 11.20 -3.19
C GLU A 536 -0.84 11.03 -3.24
N LEU A 537 -0.18 12.07 -3.73
CA LEU A 537 1.27 12.14 -3.85
C LEU A 537 1.77 13.26 -2.96
N ILE A 538 2.83 12.99 -2.22
CA ILE A 538 3.41 13.97 -1.34
C ILE A 538 4.82 14.17 -1.83
N LEU A 539 5.22 15.43 -2.00
CA LEU A 539 6.56 15.81 -2.41
C LEU A 539 7.14 16.83 -1.46
N GLU A 540 8.46 17.03 -1.56
CA GLU A 540 9.13 18.19 -0.96
C GLU A 540 9.93 18.90 -2.05
N ALA A 541 10.00 20.22 -1.95
CA ALA A 541 10.65 21.04 -2.98
C ALA A 541 11.09 22.38 -2.40
N PRO A 542 12.04 23.05 -3.07
CA PRO A 542 12.39 24.41 -2.63
C PRO A 542 11.17 25.31 -2.66
N LYS A 543 11.13 26.30 -1.79
CA LYS A 543 10.02 27.22 -1.76
C LYS A 543 9.83 27.85 -3.12
N GLU A 544 10.92 28.04 -3.85
CA GLU A 544 10.93 28.68 -5.16
C GLU A 544 10.34 27.83 -6.27
N GLU A 545 9.99 26.57 -5.98
CA GLU A 545 9.37 25.72 -7.00
C GLU A 545 7.86 25.53 -6.80
N MET A 546 7.32 25.97 -5.69
CA MET A 546 5.91 25.76 -5.42
C MET A 546 5.00 26.18 -6.55
N GLU A 547 5.25 27.37 -7.12
CA GLU A 547 4.31 27.94 -8.10
C GLU A 547 4.27 27.10 -9.33
N ARG A 548 5.43 26.69 -9.81
CA ARG A 548 5.46 25.70 -10.88
C ARG A 548 4.87 24.34 -10.50
N LEU A 549 5.07 23.86 -9.28
CA LEU A 549 4.49 22.56 -8.89
C LEU A 549 2.95 22.59 -8.89
N CYS A 550 2.42 23.75 -8.46
CA CYS A 550 0.98 24.03 -8.45
C CYS A 550 0.32 23.80 -9.77
N ARG A 551 1.05 24.05 -10.84
CA ARG A 551 0.51 23.82 -12.18
C ARG A 551 0.89 22.46 -12.69
N LEU A 552 2.12 22.07 -12.43
CA LEU A 552 2.67 20.87 -13.02
C LEU A 552 2.12 19.56 -12.43
N VAL A 553 2.09 19.44 -11.12
CA VAL A 553 1.72 18.20 -10.48
C VAL A 553 0.25 17.81 -10.78
N PRO A 554 -0.71 18.72 -10.58
CA PRO A 554 -2.10 18.35 -10.84
C PRO A 554 -2.34 18.00 -12.28
N GLU A 555 -1.69 18.75 -13.16
CA GLU A 555 -1.82 18.48 -14.60
C GLU A 555 -1.29 17.07 -14.97
N VAL A 556 -0.10 16.71 -14.50
CA VAL A 556 0.42 15.38 -14.78
C VAL A 556 -0.52 14.31 -14.22
N MET A 557 -1.00 14.50 -12.98
CA MET A 557 -1.90 13.54 -12.39
C MET A 557 -3.26 13.43 -13.14
N GLU A 558 -3.74 14.55 -13.66
CA GLU A 558 -5.04 14.63 -14.27
C GLU A 558 -5.02 14.06 -15.64
N GLN A 559 -3.85 14.11 -16.29
CA GLN A 559 -3.69 13.67 -17.67
C GLN A 559 -3.08 12.27 -17.81
N ALA A 560 -2.79 11.62 -16.69
CA ALA A 560 -2.21 10.27 -16.68
C ALA A 560 -2.97 9.27 -17.56
N VAL A 561 -4.29 9.26 -17.45
CA VAL A 561 -5.15 8.59 -18.42
C VAL A 561 -6.30 9.50 -18.82
N THR A 562 -6.93 9.19 -19.93
CA THR A 562 -8.12 9.90 -20.37
C THR A 562 -9.28 8.96 -20.11
N LEU A 563 -10.20 9.36 -19.23
CA LEU A 563 -11.43 8.65 -18.96
C LEU A 563 -12.60 9.43 -19.56
N ARG A 564 -13.80 8.86 -19.45
CA ARG A 564 -15.03 9.47 -19.96
C ARG A 564 -15.49 10.68 -19.15
N VAL A 565 -14.91 10.83 -17.97
CA VAL A 565 -15.11 11.98 -17.14
C VAL A 565 -13.73 12.56 -16.81
N PRO A 566 -13.67 13.86 -16.48
CA PRO A 566 -12.39 14.44 -16.13
C PRO A 566 -11.88 13.86 -14.83
N LEU A 567 -10.57 13.89 -14.62
CA LEU A 567 -10.01 13.59 -13.31
C LEU A 567 -9.71 14.95 -12.74
N LYS A 568 -9.78 15.06 -11.43
CA LYS A 568 -9.61 16.29 -10.72
C LYS A 568 -8.66 16.07 -9.56
N VAL A 569 -7.71 17.00 -9.40
CA VAL A 569 -6.67 16.90 -8.39
C VAL A 569 -6.59 18.18 -7.58
N ASP A 570 -6.66 18.06 -6.25
CA ASP A 570 -6.52 19.21 -5.38
C ASP A 570 -5.11 19.17 -4.83
N TYR A 571 -4.60 20.32 -4.41
CA TYR A 571 -3.22 20.42 -3.95
C TYR A 571 -3.07 21.54 -2.93
N HIS A 572 -2.07 21.38 -2.09
CA HIS A 572 -1.77 22.27 -0.99
C HIS A 572 -0.27 22.14 -0.73
N TYR A 573 0.29 23.13 -0.06
CA TYR A 573 1.65 23.01 0.45
C TYR A 573 1.80 23.84 1.71
N GLY A 574 2.90 23.61 2.42
CA GLY A 574 3.12 24.27 3.69
C GLY A 574 4.41 23.78 4.33
N SER A 575 4.69 24.32 5.49
CA SER A 575 5.93 24.06 6.23
C SER A 575 6.09 22.62 6.67
N THR A 576 4.96 21.97 6.90
CA THR A 576 4.92 20.58 7.34
C THR A 576 3.80 19.85 6.59
N TRP A 577 3.77 18.54 6.72
CA TRP A 577 2.72 17.73 6.15
C TRP A 577 1.36 18.17 6.64
N TYR A 578 1.27 18.44 7.94
CA TYR A 578 0.06 19.01 8.54
C TYR A 578 -0.43 20.23 7.79
N ASP A 579 0.50 21.14 7.47
CA ASP A 579 0.12 22.43 6.87
C ASP A 579 -0.19 22.29 5.41
N ALA A 580 0.19 21.18 4.80
CA ALA A 580 -0.10 20.99 3.41
C ALA A 580 -1.54 20.53 3.29
N LYS A 581 -2.45 21.40 3.74
CA LYS A 581 -3.90 21.16 3.76
C LYS A 581 -4.63 22.38 3.24
#